data_7JNY
#
_entry.id   7JNY
#
_cell.length_a   48.967
_cell.length_b   48.967
_cell.length_c   80.278
_cell.angle_alpha   90.000
_cell.angle_beta   90.000
_cell.angle_gamma   120.000
#
_symmetry.space_group_name_H-M   'P 31 2 1'
#
loop_
_entity.id
_entity.type
_entity.pdbx_description
1 polymer 'C-X-C motif chemokine 13'
2 water water
#
_entity_poly.entity_id   1
_entity_poly.type   'polypeptide(L)'
_entity_poly.pdbx_seq_one_letter_code
;MVLEVYYTSLRCRCVQESSVFIPRRFIDRIQILPRGNGCPRKEIIVWKKNKSIVCVDPQAEWIQRMMEVLRKRSSSTLPV
PVFKRKIP
;
_entity_poly.pdbx_strand_id   A
#
# COMPACT_ATOMS: atom_id res chain seq x y z
N MET A 1 10.14 7.59 -2.38
CA MET A 1 9.19 6.51 -2.00
C MET A 1 9.19 5.38 -3.01
N VAL A 2 8.97 4.16 -2.50
CA VAL A 2 9.01 2.95 -3.30
C VAL A 2 7.68 2.25 -3.15
N LEU A 3 7.05 1.92 -4.27
CA LEU A 3 5.89 1.04 -4.32
C LEU A 3 6.37 -0.36 -4.72
N GLU A 4 6.00 -1.36 -3.94
CA GLU A 4 6.34 -2.74 -4.27
C GLU A 4 5.04 -3.53 -4.46
N VAL A 5 4.91 -4.24 -5.59
CA VAL A 5 3.78 -5.13 -5.80
C VAL A 5 4.28 -6.56 -5.87
N TYR A 6 3.77 -7.41 -5.00
CA TYR A 6 4.20 -8.80 -4.86
C TYR A 6 3.20 -9.69 -5.57
N TYR A 7 3.61 -10.26 -6.70
CA TYR A 7 2.74 -11.17 -7.44
C TYR A 7 3.12 -12.59 -7.04
N THR A 8 2.75 -12.90 -5.82
CA THR A 8 3.08 -14.12 -5.12
C THR A 8 1.77 -14.75 -4.68
N SER A 9 1.85 -15.97 -4.18
CA SER A 9 0.67 -16.71 -3.72
C SER A 9 0.89 -17.20 -2.31
N LEU A 10 1.37 -16.32 -1.44
CA LEU A 10 1.66 -16.75 -0.09
C LEU A 10 0.45 -16.46 0.80
N ARG A 11 0.53 -16.97 2.02
CA ARG A 11 -0.47 -16.74 3.04
C ARG A 11 -0.49 -15.25 3.44
N CYS A 12 -1.64 -14.84 3.99
CA CYS A 12 -1.82 -13.46 4.41
C CYS A 12 -0.75 -13.04 5.41
N ARG A 13 -0.30 -11.78 5.31
CA ARG A 13 0.66 -11.25 6.29
C ARG A 13 0.01 -10.44 7.39
N CYS A 14 -1.19 -9.92 7.17
CA CYS A 14 -1.85 -9.01 8.10
C CYS A 14 -2.95 -9.71 8.88
N VAL A 15 -3.03 -9.39 10.16
CA VAL A 15 -4.08 -9.89 11.04
C VAL A 15 -5.07 -8.80 11.40
N GLN A 16 -4.85 -7.58 10.96
CA GLN A 16 -5.75 -6.48 11.18
C GLN A 16 -5.46 -5.48 10.08
N GLU A 17 -6.40 -4.58 9.87
CA GLU A 17 -6.30 -3.49 8.91
C GLU A 17 -6.58 -2.21 9.66
N SER A 18 -5.83 -1.16 9.34
CA SER A 18 -6.03 0.17 9.86
C SER A 18 -6.58 1.05 8.75
N SER A 19 -7.54 1.91 9.08
CA SER A 19 -8.02 2.89 8.10
C SER A 19 -7.49 4.29 8.40
N VAL A 20 -6.61 4.43 9.37
CA VAL A 20 -6.13 5.74 9.80
C VAL A 20 -5.25 6.33 8.71
N PHE A 21 -5.48 7.61 8.41
CA PHE A 21 -4.71 8.33 7.40
C PHE A 21 -3.22 8.34 7.72
N ILE A 22 -2.40 8.03 6.74
CA ILE A 22 -0.96 8.18 6.87
C ILE A 22 -0.46 9.22 5.87
N PRO A 23 0.02 10.38 6.31
CA PRO A 23 0.46 11.40 5.36
C PRO A 23 1.58 10.87 4.47
N ARG A 24 1.52 11.21 3.19
CA ARG A 24 2.50 10.65 2.25
C ARG A 24 3.93 10.95 2.69
N ARG A 25 4.16 12.10 3.33
CA ARG A 25 5.52 12.47 3.71
C ARG A 25 6.13 11.50 4.72
N PHE A 26 5.32 10.67 5.39
CA PHE A 26 5.84 9.75 6.38
C PHE A 26 6.05 8.34 5.83
N ILE A 27 5.85 8.15 4.53
CA ILE A 27 5.83 6.82 3.93
C ILE A 27 7.15 6.61 3.20
N ASP A 28 7.88 5.56 3.60
CA ASP A 28 9.09 5.16 2.91
C ASP A 28 8.79 4.14 1.82
N ARG A 29 7.93 3.17 2.11
CA ARG A 29 7.57 2.16 1.13
C ARG A 29 6.11 1.81 1.29
N ILE A 30 5.50 1.39 0.19
CA ILE A 30 4.17 0.77 0.22
C ILE A 30 4.25 -0.57 -0.49
N GLN A 31 3.75 -1.63 0.16
CA GLN A 31 3.80 -2.97 -0.41
C GLN A 31 2.39 -3.41 -0.69
N ILE A 32 2.12 -3.79 -1.93
CA ILE A 32 0.79 -4.26 -2.31
C ILE A 32 0.90 -5.74 -2.62
N LEU A 33 0.04 -6.52 -1.96
CA LEU A 33 -0.05 -7.95 -2.25
C LEU A 33 -1.45 -8.25 -2.76
N PRO A 34 -1.64 -8.31 -4.07
CA PRO A 34 -2.93 -8.68 -4.61
C PRO A 34 -3.35 -10.04 -4.05
N ARG A 35 -4.64 -10.22 -3.90
CA ARG A 35 -5.10 -11.45 -3.37
C ARG A 35 -4.91 -12.52 -4.37
N GLY A 36 -5.02 -13.80 -3.96
CA GLY A 36 -4.82 -14.93 -4.82
C GLY A 36 -5.30 -16.14 -4.08
N ASN A 37 -4.67 -17.27 -4.36
CA ASN A 37 -5.12 -18.48 -3.70
C ASN A 37 -4.50 -18.67 -2.31
N GLY A 38 -3.48 -17.89 -1.96
CA GLY A 38 -2.85 -18.04 -0.68
C GLY A 38 -3.48 -17.15 0.38
N CYS A 39 -3.90 -15.97 -0.04
CA CYS A 39 -4.50 -14.97 0.84
C CYS A 39 -5.74 -14.45 0.11
N PRO A 40 -6.94 -14.57 0.71
CA PRO A 40 -8.16 -14.23 -0.03
C PRO A 40 -8.51 -12.76 -0.02
N ARG A 41 -7.61 -11.89 0.43
CA ARG A 41 -7.82 -10.45 0.43
C ARG A 41 -6.56 -9.74 -0.02
N LYS A 42 -6.74 -8.61 -0.69
CA LYS A 42 -5.62 -7.75 -1.01
C LYS A 42 -5.07 -7.13 0.25
N GLU A 43 -3.75 -7.10 0.39
CA GLU A 43 -3.11 -6.50 1.55
C GLU A 43 -2.28 -5.31 1.07
N ILE A 44 -2.20 -4.27 1.91
CA ILE A 44 -1.42 -3.07 1.60
C ILE A 44 -0.65 -2.75 2.87
N ILE A 45 0.68 -2.83 2.82
CA ILE A 45 1.52 -2.62 4.00
C ILE A 45 2.32 -1.34 3.80
N VAL A 46 2.21 -0.42 4.74
CA VAL A 46 2.87 0.89 4.65
C VAL A 46 4.03 0.93 5.62
N TRP A 47 5.22 1.21 5.09
CA TRP A 47 6.43 1.33 5.90
C TRP A 47 6.67 2.79 6.19
N LYS A 48 6.51 3.17 7.45
CA LYS A 48 6.58 4.57 7.83
C LYS A 48 7.99 4.98 8.21
N LYS A 49 8.24 6.30 8.13
CA LYS A 49 9.59 6.77 8.33
C LYS A 49 10.06 6.50 9.75
N ASN A 50 9.15 6.48 10.72
CA ASN A 50 9.50 6.15 12.09
C ASN A 50 9.62 4.64 12.33
N LYS A 51 9.68 3.83 11.27
CA LYS A 51 9.88 2.37 11.29
C LYS A 51 8.64 1.57 11.67
N SER A 52 7.52 2.22 11.94
CA SER A 52 6.26 1.52 12.07
C SER A 52 5.86 0.87 10.74
N ILE A 53 5.21 -0.29 10.83
CA ILE A 53 4.84 -1.09 9.69
C ILE A 53 3.36 -1.38 9.81
N VAL A 54 2.56 -0.88 8.90
CA VAL A 54 1.13 -0.75 9.13
C VAL A 54 0.38 -1.45 8.00
N CYS A 55 -0.43 -2.45 8.36
CA CYS A 55 -1.37 -2.96 7.36
C CYS A 55 -2.54 -2.02 7.24
N VAL A 56 -2.92 -1.70 6.02
CA VAL A 56 -3.90 -0.67 5.74
C VAL A 56 -5.09 -1.27 4.98
N ASP A 57 -6.28 -0.80 5.33
CA ASP A 57 -7.49 -1.22 4.64
C ASP A 57 -7.43 -0.79 3.18
N PRO A 58 -7.38 -1.72 2.24
CA PRO A 58 -7.30 -1.32 0.83
C PRO A 58 -8.54 -0.59 0.31
N GLN A 59 -9.64 -0.57 1.05
CA GLN A 59 -10.84 0.17 0.64
C GLN A 59 -10.93 1.53 1.32
N ALA A 60 -9.93 1.91 2.11
CA ALA A 60 -9.94 3.22 2.73
C ALA A 60 -9.82 4.29 1.64
N GLU A 61 -10.63 5.33 1.75
CA GLU A 61 -10.63 6.34 0.70
C GLU A 61 -9.24 6.89 0.49
N TRP A 62 -8.53 7.18 1.58
CA TRP A 62 -7.27 7.90 1.47
C TRP A 62 -6.23 7.06 0.75
N ILE A 63 -6.29 5.74 0.90
CA ILE A 63 -5.30 4.94 0.21
C ILE A 63 -5.68 4.80 -1.25
N GLN A 64 -6.97 4.73 -1.57
CA GLN A 64 -7.40 4.69 -2.96
C GLN A 64 -6.98 5.97 -3.70
N ARG A 65 -7.20 7.12 -3.07
CA ARG A 65 -6.81 8.38 -3.70
C ARG A 65 -5.31 8.42 -3.90
N MET A 66 -4.56 8.01 -2.89
CA MET A 66 -3.09 7.94 -3.05
C MET A 66 -2.70 7.05 -4.20
N MET A 67 -3.26 5.86 -4.27
CA MET A 67 -2.90 4.96 -5.34
C MET A 67 -3.18 5.55 -6.72
N GLU A 68 -4.19 6.42 -6.84
CA GLU A 68 -4.43 7.05 -8.12
C GLU A 68 -3.31 8.03 -8.45
N VAL A 69 -2.81 8.74 -7.45
CA VAL A 69 -1.66 9.60 -7.69
C VAL A 69 -0.48 8.75 -8.16
N LEU A 70 -0.23 7.64 -7.48
CA LEU A 70 0.91 6.81 -7.84
C LEU A 70 0.74 6.24 -9.24
N ARG A 71 -0.47 5.81 -9.60
CA ARG A 71 -0.68 5.32 -10.95
C ARG A 71 -0.38 6.40 -11.98
N LYS A 72 -0.95 7.60 -11.79
CA LYS A 72 -0.82 8.61 -12.84
C LYS A 72 0.60 9.16 -12.96
N ARG A 73 1.47 8.92 -11.98
CA ARG A 73 2.86 9.35 -12.01
C ARG A 73 3.81 8.17 -12.17
N SER A 74 3.34 7.05 -12.70
CA SER A 74 4.19 5.88 -12.80
C SER A 74 5.08 5.86 -14.03
N SER A 75 4.85 6.74 -15.01
CA SER A 75 5.75 6.92 -16.14
C SER A 75 6.53 8.22 -16.08
N SER A 76 5.93 9.27 -15.54
CA SER A 76 6.60 10.53 -15.29
C SER A 76 6.13 11.11 -13.96
N THR A 77 7.06 11.51 -13.10
CA THR A 77 6.67 12.10 -11.84
C THR A 77 6.44 13.61 -11.95
N LEU A 78 6.59 14.18 -13.13
CA LEU A 78 6.41 15.61 -13.30
C LEU A 78 4.98 15.97 -12.98
N PRO A 79 4.74 17.01 -12.18
CA PRO A 79 3.36 17.28 -11.74
C PRO A 79 2.49 18.01 -12.77
N VAL A 80 2.15 17.31 -13.85
CA VAL A 80 1.33 17.92 -14.90
C VAL A 80 -0.02 17.24 -15.16
#